data_6YFI
#
_entry.id   6YFI
#
_cell.length_a   71.558
_cell.length_b   92.699
_cell.length_c   94.819
_cell.angle_alpha   90.000
_cell.angle_beta   90.000
_cell.angle_gamma   90.000
#
_symmetry.space_group_name_H-M   'P 21 21 21'
#
loop_
_entity.id
_entity.type
_entity.pdbx_description
1 polymer 'coat protein'
2 water water
#
_entity_poly.entity_id   1
_entity_poly.type   'polypeptide(L)'
_entity_poly.pdbx_seq_one_letter_code
;PAMTNIVLRDDQTSVATKTLIPIVSDGNMSVWRENAANVPIDGQIKLTGQWERMKDGTYRLNAKLEVPVMETAGAGGAYV
APPKVAYKVTASLTLYAPSRSTIADRANAMKMLSAVLCGADATAGTTLSPQSVTGDAWKNSALPFVFGFINQAFPT
;
_entity_poly.pdbx_strand_id   A,B,C,D
#
# COMPACT_ATOMS: atom_id res chain seq x y z
N PRO A 1 5.97 28.35 -22.90
CA PRO A 1 7.26 28.66 -22.27
C PRO A 1 8.28 27.58 -22.60
N ALA A 2 9.56 27.85 -22.32
CA ALA A 2 10.60 26.86 -22.60
C ALA A 2 10.51 25.69 -21.63
N MET A 3 10.94 24.52 -22.11
CA MET A 3 11.04 23.34 -21.27
C MET A 3 11.91 23.61 -20.05
N THR A 4 11.50 23.07 -18.91
CA THR A 4 12.29 23.03 -17.70
C THR A 4 12.41 21.57 -17.25
N ASN A 5 13.28 21.33 -16.27
CA ASN A 5 13.30 20.03 -15.62
C ASN A 5 11.91 19.69 -15.10
N ILE A 6 11.61 18.41 -15.06
CA ILE A 6 10.38 17.91 -14.47
C ILE A 6 10.78 16.86 -13.44
N VAL A 7 10.45 17.11 -12.18
CA VAL A 7 10.95 16.35 -11.04
C VAL A 7 9.80 15.54 -10.44
N LEU A 8 9.99 14.22 -10.40
CA LEU A 8 8.94 13.27 -10.06
C LEU A 8 9.38 12.40 -8.88
N ARG A 9 8.40 11.76 -8.23
CA ARG A 9 8.62 10.87 -7.09
C ARG A 9 8.09 9.48 -7.37
N ASP A 10 8.91 8.46 -7.14
CA ASP A 10 8.44 7.07 -7.28
C ASP A 10 7.68 6.63 -6.02
N ASP A 11 7.30 5.34 -5.97
CA ASP A 11 6.49 4.79 -4.91
C ASP A 11 7.28 3.89 -3.96
N GLN A 12 8.61 3.98 -3.97
CA GLN A 12 9.42 3.08 -3.16
C GLN A 12 9.23 3.32 -1.67
N THR A 13 9.68 2.35 -0.86
CA THR A 13 9.51 2.46 0.59
C THR A 13 10.15 3.73 1.12
N SER A 14 11.33 4.09 0.62
CA SER A 14 11.88 5.42 0.78
C SER A 14 11.75 6.09 -0.58
N VAL A 15 10.81 7.02 -0.69
CA VAL A 15 10.45 7.60 -1.99
C VAL A 15 11.66 8.28 -2.61
N ALA A 16 11.96 7.93 -3.86
CA ALA A 16 13.10 8.47 -4.59
C ALA A 16 12.65 9.49 -5.63
N THR A 17 13.53 10.44 -5.91
CA THR A 17 13.26 11.53 -6.84
C THR A 17 13.92 11.25 -8.18
N LYS A 18 13.20 11.58 -9.25
CA LYS A 18 13.70 11.45 -10.62
C LYS A 18 13.65 12.82 -11.28
N THR A 19 14.78 13.26 -11.85
CA THR A 19 14.87 14.55 -12.51
C THR A 19 14.96 14.32 -14.02
N LEU A 20 13.91 14.71 -14.74
CA LEU A 20 13.85 14.58 -16.19
C LEU A 20 14.30 15.90 -16.81
N ILE A 21 15.40 15.85 -17.56
CA ILE A 21 16.06 17.03 -18.13
C ILE A 21 15.56 17.26 -19.55
N PRO A 22 15.27 18.50 -19.97
CA PRO A 22 14.86 18.72 -21.37
C PRO A 22 15.92 18.25 -22.35
N ILE A 23 15.49 17.50 -23.36
CA ILE A 23 16.39 16.98 -24.40
C ILE A 23 16.28 17.77 -25.70
N VAL A 24 15.07 17.81 -26.29
CA VAL A 24 14.88 18.41 -27.61
C VAL A 24 13.39 18.67 -27.79
N SER A 25 13.08 19.67 -28.61
CA SER A 25 11.72 19.92 -29.09
C SER A 25 11.79 20.31 -30.56
N ASP A 26 10.80 19.88 -31.33
CA ASP A 26 10.66 20.27 -32.72
C ASP A 26 9.33 20.97 -32.99
N GLY A 27 8.70 21.52 -31.96
CA GLY A 27 7.36 22.08 -32.10
C GLY A 27 6.27 21.03 -32.08
N ASN A 28 6.46 19.94 -32.83
CA ASN A 28 5.51 18.84 -32.84
C ASN A 28 5.64 17.96 -31.61
N MET A 29 6.82 17.92 -31.00
CA MET A 29 7.14 16.93 -29.98
C MET A 29 8.24 17.49 -29.09
N SER A 30 8.10 17.30 -27.78
CA SER A 30 9.08 17.74 -26.79
C SER A 30 9.46 16.56 -25.91
N VAL A 31 10.75 16.41 -25.62
CA VAL A 31 11.28 15.23 -24.95
C VAL A 31 12.10 15.64 -23.72
N TRP A 32 11.83 14.99 -22.58
CA TRP A 32 12.62 15.09 -21.36
C TRP A 32 13.12 13.70 -21.00
N ARG A 33 14.30 13.61 -20.37
CA ARG A 33 14.86 12.30 -20.05
C ARG A 33 15.75 12.35 -18.82
N GLU A 34 15.71 11.31 -18.00
CA GLU A 34 16.60 11.20 -16.86
C GLU A 34 18.03 10.91 -17.31
N ASN A 35 19.01 11.25 -16.46
CA ASN A 35 20.42 10.95 -16.69
C ASN A 35 20.98 10.14 -15.53
N ALA A 36 20.34 9.01 -15.22
CA ALA A 36 20.83 8.13 -14.15
C ALA A 36 22.14 7.47 -14.57
N ALA A 37 23.02 7.27 -13.58
CA ALA A 37 24.29 6.63 -13.82
C ALA A 37 24.11 5.15 -14.14
N ASN A 38 25.02 4.62 -14.96
CA ASN A 38 25.11 3.19 -15.27
C ASN A 38 23.92 2.66 -16.04
N VAL A 39 23.20 3.54 -16.75
CA VAL A 39 22.00 3.20 -17.49
C VAL A 39 22.19 3.64 -18.93
N PRO A 40 21.88 2.81 -19.92
CA PRO A 40 22.05 3.23 -21.32
C PRO A 40 21.00 4.26 -21.71
N ILE A 41 21.26 4.92 -22.83
CA ILE A 41 20.40 6.05 -23.23
C ILE A 41 18.95 5.59 -23.42
N ASP A 42 18.75 4.41 -24.01
CA ASP A 42 17.40 3.90 -24.21
C ASP A 42 16.80 3.30 -22.95
N GLY A 43 17.57 3.20 -21.86
CA GLY A 43 17.08 2.70 -20.60
C GLY A 43 16.68 3.76 -19.60
N GLN A 44 16.80 5.05 -19.94
CA GLN A 44 16.45 6.13 -19.03
C GLN A 44 14.95 6.41 -19.05
N ILE A 45 14.41 6.86 -17.92
CA ILE A 45 13.03 7.34 -17.89
C ILE A 45 12.88 8.48 -18.89
N LYS A 46 11.84 8.42 -19.70
CA LYS A 46 11.65 9.38 -20.79
C LYS A 46 10.20 9.84 -20.83
N LEU A 47 10.02 11.15 -20.95
CA LEU A 47 8.70 11.77 -21.04
C LEU A 47 8.62 12.53 -22.35
N THR A 48 7.56 12.27 -23.12
CA THR A 48 7.35 12.91 -24.41
C THR A 48 5.98 13.57 -24.46
N GLY A 49 5.94 14.84 -24.82
CA GLY A 49 4.70 15.55 -25.07
C GLY A 49 4.61 15.89 -26.55
N GLN A 50 3.46 15.58 -27.15
CA GLN A 50 3.29 15.84 -28.58
C GLN A 50 1.84 16.13 -28.89
N TRP A 51 1.62 16.76 -30.04
CA TRP A 51 0.31 17.18 -30.48
C TRP A 51 0.23 17.05 -31.99
N GLU A 52 -0.95 16.71 -32.48
CA GLU A 52 -1.18 16.54 -33.91
C GLU A 52 -2.57 17.04 -34.25
N ARG A 53 -2.69 17.79 -35.33
CA ARG A 53 -3.99 18.24 -35.83
C ARG A 53 -4.52 17.20 -36.79
N MET A 54 -5.59 16.51 -36.40
CA MET A 54 -6.20 15.49 -37.24
C MET A 54 -6.94 16.14 -38.40
N LYS A 55 -7.32 15.31 -39.38
CA LYS A 55 -7.88 15.80 -40.62
C LYS A 55 -9.27 16.43 -40.46
N ASP A 56 -10.00 16.06 -39.41
CA ASP A 56 -11.29 16.68 -39.14
C ASP A 56 -11.18 17.91 -38.23
N GLY A 57 -9.95 18.36 -37.96
CA GLY A 57 -9.72 19.50 -37.10
C GLY A 57 -9.51 19.17 -35.63
N THR A 58 -9.79 17.93 -35.21
CA THR A 58 -9.59 17.56 -33.83
C THR A 58 -8.10 17.55 -33.49
N TYR A 59 -7.75 18.12 -32.34
CA TYR A 59 -6.39 18.06 -31.85
C TYR A 59 -6.21 16.83 -30.97
N ARG A 60 -5.19 16.04 -31.27
CA ARG A 60 -4.80 14.88 -30.47
C ARG A 60 -3.52 15.25 -29.74
N LEU A 61 -3.61 15.36 -28.41
CA LEU A 61 -2.50 15.71 -27.55
C LEU A 61 -2.13 14.49 -26.71
N ASN A 62 -0.82 14.24 -26.58
CA ASN A 62 -0.37 13.02 -25.91
C ASN A 62 0.81 13.31 -25.01
N ALA A 63 0.77 12.76 -23.79
CA ALA A 63 1.92 12.73 -22.88
C ALA A 63 2.23 11.28 -22.57
N LYS A 64 3.47 10.87 -22.82
CA LYS A 64 3.88 9.48 -22.67
C LYS A 64 5.09 9.38 -21.76
N LEU A 65 4.98 8.58 -20.71
CA LEU A 65 6.09 8.30 -19.81
C LEU A 65 6.53 6.85 -19.99
N GLU A 66 7.80 6.66 -20.35
CA GLU A 66 8.38 5.34 -20.52
C GLU A 66 9.37 5.08 -19.39
N VAL A 67 9.21 3.95 -18.70
CA VAL A 67 10.06 3.58 -17.58
C VAL A 67 10.71 2.24 -17.87
N PRO A 68 11.93 2.24 -18.41
CA PRO A 68 12.58 0.98 -18.77
C PRO A 68 13.11 0.23 -17.56
N VAL A 69 13.27 -1.08 -17.75
CA VAL A 69 13.90 -1.97 -16.78
C VAL A 69 15.04 -2.68 -17.48
N MET A 70 16.20 -2.72 -16.85
CA MET A 70 17.40 -3.30 -17.45
C MET A 70 17.52 -4.79 -17.12
N GLU A 71 18.20 -5.52 -18.00
CA GLU A 71 18.57 -6.89 -17.66
C GLU A 71 19.56 -6.90 -16.48
N THR A 72 19.66 -8.05 -15.83
CA THR A 72 20.54 -8.23 -14.67
C THR A 72 21.80 -8.95 -15.11
N ALA A 73 22.96 -8.32 -14.90
CA ALA A 73 24.22 -8.95 -15.23
C ALA A 73 24.52 -10.09 -14.26
N GLY A 74 25.19 -11.11 -14.76
CA GLY A 74 25.53 -12.27 -13.94
C GLY A 74 26.67 -12.02 -12.98
N VAL A 80 31.02 -0.08 -14.11
CA VAL A 80 30.26 -1.16 -14.74
C VAL A 80 29.62 -0.68 -16.04
N ALA A 81 29.68 -1.52 -17.08
CA ALA A 81 29.02 -1.15 -18.33
C ALA A 81 27.51 -1.33 -18.20
N PRO A 82 26.74 -0.42 -18.78
CA PRO A 82 25.27 -0.52 -18.64
C PRO A 82 24.71 -1.74 -19.33
N PRO A 83 23.83 -2.48 -18.68
CA PRO A 83 23.19 -3.64 -19.32
C PRO A 83 22.19 -3.21 -20.38
N LYS A 84 21.73 -4.20 -21.13
CA LYS A 84 20.69 -4.00 -22.13
C LYS A 84 19.33 -3.77 -21.46
N VAL A 85 18.41 -3.14 -22.20
CA VAL A 85 17.05 -2.94 -21.72
C VAL A 85 16.28 -4.24 -21.81
N ALA A 86 15.64 -4.63 -20.70
CA ALA A 86 14.82 -5.84 -20.66
C ALA A 86 13.42 -5.59 -21.21
N TYR A 87 12.75 -4.55 -20.71
CA TYR A 87 11.42 -4.18 -21.16
C TYR A 87 11.15 -2.77 -20.68
N LYS A 88 10.01 -2.21 -21.10
CA LYS A 88 9.58 -0.89 -20.66
C LYS A 88 8.11 -0.93 -20.28
N VAL A 89 7.74 -0.23 -19.21
CA VAL A 89 6.35 0.05 -18.89
C VAL A 89 6.04 1.45 -19.38
N THR A 90 4.96 1.60 -20.12
CA THR A 90 4.61 2.87 -20.75
C THR A 90 3.22 3.29 -20.29
N ALA A 91 3.12 4.51 -19.79
CA ALA A 91 1.84 5.11 -19.42
C ALA A 91 1.64 6.35 -20.29
N SER A 92 0.49 6.45 -20.93
CA SER A 92 0.26 7.56 -21.86
C SER A 92 -1.15 8.09 -21.76
N LEU A 93 -1.24 9.42 -21.73
CA LEU A 93 -2.48 10.15 -21.65
C LEU A 93 -2.71 10.82 -23.00
N THR A 94 -3.83 10.51 -23.64
CA THR A 94 -4.24 11.17 -24.88
C THR A 94 -5.50 11.98 -24.63
N LEU A 95 -5.49 13.24 -25.06
CA LEU A 95 -6.66 14.12 -25.01
C LEU A 95 -7.11 14.40 -26.44
N TYR A 96 -8.38 14.12 -26.72
CA TYR A 96 -8.99 14.42 -28.01
C TYR A 96 -9.88 15.65 -27.82
N ALA A 97 -9.55 16.73 -28.55
CA ALA A 97 -10.20 18.03 -28.39
C ALA A 97 -10.73 18.49 -29.74
N PRO A 98 -12.02 18.28 -30.02
CA PRO A 98 -12.60 18.74 -31.29
C PRO A 98 -12.45 20.25 -31.45
N SER A 99 -12.64 20.70 -32.70
CA SER A 99 -12.47 22.12 -33.01
C SER A 99 -13.40 22.99 -32.18
N ARG A 100 -14.62 22.51 -31.91
CA ARG A 100 -15.57 23.31 -31.15
C ARG A 100 -15.25 23.38 -29.66
N SER A 101 -14.35 22.54 -29.16
CA SER A 101 -14.07 22.51 -27.73
C SER A 101 -13.37 23.77 -27.27
N THR A 102 -13.48 24.05 -25.98
CA THR A 102 -13.00 25.28 -25.37
C THR A 102 -11.96 24.97 -24.29
N ILE A 103 -11.29 26.03 -23.85
CA ILE A 103 -10.38 25.95 -22.70
C ILE A 103 -11.09 25.32 -21.51
N ALA A 104 -12.34 25.74 -21.24
CA ALA A 104 -13.07 25.19 -20.11
C ALA A 104 -13.33 23.69 -20.28
N ASP A 105 -13.73 23.27 -21.49
CA ASP A 105 -13.92 21.85 -21.74
C ASP A 105 -12.67 21.06 -21.42
N ARG A 106 -11.51 21.53 -21.91
CA ARG A 106 -10.27 20.78 -21.73
C ARG A 106 -9.83 20.78 -20.27
N ALA A 107 -9.98 21.92 -19.58
CA ALA A 107 -9.62 21.98 -18.16
C ALA A 107 -10.48 21.02 -17.34
N ASN A 108 -11.80 21.04 -17.57
CA ASN A 108 -12.70 20.14 -16.84
C ASN A 108 -12.30 18.68 -17.04
N ALA A 109 -12.05 18.29 -18.29
CA ALA A 109 -11.76 16.88 -18.59
C ALA A 109 -10.43 16.44 -18.01
N MET A 110 -9.39 17.28 -18.15
CA MET A 110 -8.09 16.91 -17.62
C MET A 110 -8.10 16.82 -16.10
N LYS A 111 -8.78 17.76 -15.44
CA LYS A 111 -8.89 17.71 -13.98
C LYS A 111 -9.62 16.46 -13.54
N MET A 112 -10.76 16.16 -14.16
CA MET A 112 -11.57 15.03 -13.72
C MET A 112 -10.88 13.69 -13.98
N LEU A 113 -10.25 13.51 -15.15
CA LEU A 113 -9.55 12.24 -15.37
C LEU A 113 -8.36 12.10 -14.43
N SER A 114 -7.62 13.19 -14.20
CA SER A 114 -6.54 13.15 -13.21
C SER A 114 -7.06 12.75 -11.83
N ALA A 115 -8.26 13.20 -11.46
CA ALA A 115 -8.84 12.80 -10.18
C ALA A 115 -9.14 11.30 -10.14
N VAL A 116 -9.64 10.75 -11.25
CA VAL A 116 -9.84 9.30 -11.34
C VAL A 116 -8.52 8.57 -11.08
N LEU A 117 -7.45 9.00 -11.76
CA LEU A 117 -6.15 8.33 -11.63
C LEU A 117 -5.59 8.44 -10.23
N CYS A 118 -5.86 9.54 -9.52
CA CYS A 118 -5.40 9.73 -8.16
C CYS A 118 -6.38 9.21 -7.11
N GLY A 119 -7.35 8.39 -7.49
CA GLY A 119 -8.11 7.61 -6.53
C GLY A 119 -9.50 8.11 -6.15
N ALA A 120 -10.14 8.91 -6.99
CA ALA A 120 -11.51 9.33 -6.71
C ALA A 120 -12.41 8.12 -6.45
N ASP A 121 -13.38 8.29 -5.56
CA ASP A 121 -14.22 7.19 -5.09
C ASP A 121 -15.61 7.72 -4.75
N ALA A 122 -16.35 6.97 -3.94
CA ALA A 122 -17.74 7.33 -3.66
C ALA A 122 -17.88 8.56 -2.76
N THR A 123 -16.81 9.05 -2.15
CA THR A 123 -16.84 10.21 -1.28
C THR A 123 -16.23 11.41 -1.98
N ALA A 124 -16.93 12.55 -1.95
CA ALA A 124 -16.45 13.74 -2.61
C ALA A 124 -15.07 14.13 -2.07
N GLY A 125 -14.17 14.48 -3.00
CA GLY A 125 -12.87 15.03 -2.66
C GLY A 125 -11.72 14.05 -2.49
N THR A 126 -11.95 12.74 -2.62
CA THR A 126 -10.90 11.78 -2.35
C THR A 126 -9.76 11.88 -3.37
N THR A 127 -8.54 11.96 -2.86
CA THR A 127 -7.35 12.01 -3.71
C THR A 127 -6.16 11.47 -2.93
N LEU A 128 -5.28 10.76 -3.65
CA LEU A 128 -3.97 10.34 -3.16
C LEU A 128 -2.92 11.10 -3.95
N SER A 129 -2.05 11.83 -3.25
CA SER A 129 -1.13 12.72 -3.96
C SER A 129 -0.15 11.93 -4.83
N PRO A 130 0.01 12.31 -6.10
CA PRO A 130 1.04 11.70 -6.94
C PRO A 130 2.44 12.21 -6.64
N GLN A 131 2.57 13.15 -5.70
CA GLN A 131 3.84 13.57 -5.14
C GLN A 131 4.00 13.13 -3.69
N SER A 132 3.25 12.11 -3.27
CA SER A 132 3.30 11.63 -1.89
C SER A 132 4.72 11.28 -1.47
N VAL A 133 5.07 11.67 -0.24
CA VAL A 133 6.31 11.21 0.37
C VAL A 133 6.11 9.93 1.18
N THR A 134 4.91 9.38 1.20
CA THR A 134 4.63 8.17 1.95
C THR A 134 5.08 6.96 1.14
N GLY A 135 6.04 6.20 1.68
CA GLY A 135 6.52 5.04 0.96
C GLY A 135 5.41 4.04 0.71
N ASP A 136 5.38 3.51 -0.51
CA ASP A 136 4.44 2.46 -0.93
C ASP A 136 2.98 2.88 -0.89
N ALA A 137 2.67 4.17 -0.79
CA ALA A 137 1.27 4.58 -0.66
C ALA A 137 0.45 4.15 -1.87
N TRP A 138 1.01 4.23 -3.08
CA TRP A 138 0.26 3.86 -4.28
C TRP A 138 0.01 2.35 -4.34
N LYS A 139 1.06 1.53 -4.14
CA LYS A 139 0.87 0.08 -4.21
C LYS A 139 0.08 -0.46 -3.01
N ASN A 140 -0.03 0.30 -1.93
CA ASN A 140 -0.84 -0.11 -0.79
C ASN A 140 -2.30 0.34 -0.88
N SER A 141 -2.63 1.21 -1.83
CA SER A 141 -3.95 1.84 -1.86
C SER A 141 -5.03 0.90 -2.35
N ALA A 142 -6.21 1.03 -1.74
CA ALA A 142 -7.43 0.38 -2.21
C ALA A 142 -8.29 1.26 -3.12
N LEU A 143 -7.86 2.49 -3.40
CA LEU A 143 -8.72 3.39 -4.16
C LEU A 143 -8.94 2.86 -5.58
N PRO A 144 -10.13 3.11 -6.17
CA PRO A 144 -10.58 2.30 -7.32
C PRO A 144 -9.62 2.18 -8.50
N PHE A 145 -9.24 3.30 -9.12
CA PHE A 145 -8.36 3.22 -10.28
C PHE A 145 -6.88 3.23 -9.92
N VAL A 146 -6.52 3.50 -8.66
CA VAL A 146 -5.14 3.30 -8.23
C VAL A 146 -4.84 1.81 -8.13
N PHE A 147 -5.64 1.09 -7.33
CA PHE A 147 -5.54 -0.35 -7.27
C PHE A 147 -5.75 -0.99 -8.64
N GLY A 148 -6.69 -0.45 -9.42
CA GLY A 148 -7.07 -1.09 -10.68
C GLY A 148 -5.93 -1.15 -11.68
N PHE A 149 -5.22 -0.02 -11.89
CA PHE A 149 -4.11 -0.07 -12.83
C PHE A 149 -2.97 -0.94 -12.30
N ILE A 150 -2.67 -0.85 -11.01
CA ILE A 150 -1.52 -1.56 -10.47
C ILE A 150 -1.74 -3.06 -10.47
N ASN A 151 -2.98 -3.51 -10.22
CA ASN A 151 -3.30 -4.92 -10.17
C ASN A 151 -3.98 -5.43 -11.44
N GLN A 152 -4.01 -4.62 -12.48
CA GLN A 152 -4.30 -5.07 -13.85
C GLN A 152 -5.74 -5.54 -14.02
N ALA A 153 -6.68 -4.91 -13.31
CA ALA A 153 -8.10 -5.19 -13.45
C ALA A 153 -8.89 -4.11 -12.72
N PHE A 154 -9.99 -3.68 -13.31
CA PHE A 154 -10.81 -2.64 -12.70
C PHE A 154 -12.00 -3.22 -11.97
N PRO A 155 -12.65 -2.43 -11.10
CA PRO A 155 -13.83 -2.93 -10.37
C PRO A 155 -14.90 -3.43 -11.33
N THR A 156 -15.68 -4.41 -10.85
CA THR A 156 -16.72 -5.03 -11.67
C THR A 156 -18.09 -5.01 -11.01
N PRO B 1 -12.89 -5.97 -6.65
CA PRO B 1 -13.85 -5.21 -5.84
C PRO B 1 -15.07 -4.81 -6.67
N ALA B 2 -16.20 -4.57 -6.00
CA ALA B 2 -17.41 -4.12 -6.68
C ALA B 2 -17.28 -2.64 -7.05
N MET B 3 -17.81 -2.29 -8.21
CA MET B 3 -17.91 -0.89 -8.61
C MET B 3 -18.70 -0.08 -7.59
N THR B 4 -18.23 1.13 -7.31
CA THR B 4 -18.93 2.11 -6.49
C THR B 4 -19.10 3.39 -7.32
N ASN B 5 -19.82 4.36 -6.73
CA ASN B 5 -19.82 5.70 -7.31
C ASN B 5 -18.39 6.24 -7.36
N ILE B 6 -18.15 7.09 -8.35
CA ILE B 6 -16.91 7.83 -8.47
C ILE B 6 -17.28 9.31 -8.57
N VAL B 7 -16.81 10.11 -7.61
CA VAL B 7 -17.26 11.49 -7.44
C VAL B 7 -16.12 12.42 -7.79
N LEU B 8 -16.36 13.32 -8.75
CA LEU B 8 -15.35 14.18 -9.34
C LEU B 8 -15.75 15.64 -9.22
N ARG B 9 -14.78 16.53 -9.46
CA ARG B 9 -14.97 17.97 -9.41
C ARG B 9 -14.46 18.62 -10.69
N ASP B 10 -15.29 19.46 -11.31
CA ASP B 10 -14.87 20.20 -12.49
C ASP B 10 -14.06 21.44 -12.11
N ASP B 11 -13.71 22.28 -13.09
CA ASP B 11 -12.87 23.44 -12.88
C ASP B 11 -13.64 24.76 -12.94
N GLN B 12 -14.97 24.72 -12.80
CA GLN B 12 -15.76 25.94 -12.93
C GLN B 12 -15.47 26.91 -11.80
N THR B 13 -15.80 28.19 -12.03
CA THR B 13 -15.55 29.23 -11.04
C THR B 13 -16.14 28.87 -9.68
N SER B 14 -17.38 28.34 -9.69
CA SER B 14 -17.95 27.64 -8.55
C SER B 14 -17.88 26.16 -8.91
N VAL B 15 -16.91 25.45 -8.32
CA VAL B 15 -16.63 24.07 -8.70
C VAL B 15 -17.86 23.20 -8.51
N ALA B 16 -18.21 22.44 -9.54
CA ALA B 16 -19.37 21.55 -9.50
C ALA B 16 -18.94 20.10 -9.33
N THR B 17 -19.72 19.37 -8.55
CA THR B 17 -19.47 17.96 -8.24
C THR B 17 -20.24 17.08 -9.21
N LYS B 18 -19.57 16.08 -9.76
CA LYS B 18 -20.15 15.11 -10.68
C LYS B 18 -20.10 13.73 -10.03
N THR B 19 -21.24 13.05 -9.94
CA THR B 19 -21.31 11.70 -9.38
C THR B 19 -21.55 10.72 -10.52
N LEU B 20 -20.58 9.85 -10.77
CA LEU B 20 -20.70 8.82 -11.80
C LEU B 20 -21.13 7.52 -11.14
N ILE B 21 -22.27 6.96 -11.58
CA ILE B 21 -22.83 5.76 -10.97
C ILE B 21 -22.52 4.52 -11.81
N PRO B 22 -22.43 3.33 -11.21
CA PRO B 22 -22.15 2.13 -12.01
C PRO B 22 -23.30 1.79 -12.94
N ILE B 23 -22.98 1.47 -14.19
CA ILE B 23 -23.97 1.12 -15.21
C ILE B 23 -23.92 -0.36 -15.58
N VAL B 24 -22.75 -0.86 -15.98
CA VAL B 24 -22.62 -2.23 -16.48
C VAL B 24 -21.17 -2.64 -16.42
N SER B 25 -20.93 -3.94 -16.22
CA SER B 25 -19.58 -4.50 -16.31
C SER B 25 -19.67 -5.91 -16.88
N ASP B 26 -18.69 -6.28 -17.71
CA ASP B 26 -18.64 -7.64 -18.25
C ASP B 26 -17.34 -8.36 -17.91
N GLY B 27 -16.59 -7.88 -16.93
CA GLY B 27 -15.38 -8.58 -16.54
C GLY B 27 -14.11 -7.97 -17.09
N ASN B 28 -14.16 -7.50 -18.35
CA ASN B 28 -13.04 -6.77 -18.92
C ASN B 28 -13.38 -5.35 -19.34
N MET B 29 -14.63 -4.92 -19.21
CA MET B 29 -15.00 -3.53 -19.42
C MET B 29 -16.05 -3.16 -18.38
N SER B 30 -15.87 -2.00 -17.74
CA SER B 30 -16.76 -1.48 -16.71
C SER B 30 -17.08 -0.03 -17.04
N VAL B 31 -18.36 0.34 -16.90
CA VAL B 31 -18.86 1.65 -17.30
C VAL B 31 -19.56 2.34 -16.14
N TRP B 32 -19.11 3.55 -15.82
CA TRP B 32 -19.77 4.46 -14.90
C TRP B 32 -20.31 5.63 -15.70
N ARG B 33 -21.41 6.24 -15.24
CA ARG B 33 -21.98 7.36 -15.99
C ARG B 33 -22.72 8.28 -15.04
N GLU B 34 -22.66 9.59 -15.32
CA GLU B 34 -23.44 10.54 -14.54
C GLU B 34 -24.93 10.34 -14.81
N ASN B 35 -25.75 10.74 -13.83
CA ASN B 35 -27.20 10.67 -13.92
C ASN B 35 -27.81 12.04 -13.64
N ALA B 36 -27.29 13.07 -14.31
CA ALA B 36 -27.80 14.43 -14.13
C ALA B 36 -29.20 14.54 -14.69
N ALA B 37 -30.03 15.33 -14.01
CA ALA B 37 -31.42 15.51 -14.42
C ALA B 37 -31.51 16.29 -15.72
N ASN B 38 -32.46 15.90 -16.57
CA ASN B 38 -32.78 16.62 -17.80
C ASN B 38 -31.64 16.58 -18.83
N VAL B 39 -30.83 15.54 -18.78
CA VAL B 39 -29.76 15.33 -19.75
C VAL B 39 -29.92 13.92 -20.32
N PRO B 40 -29.92 13.75 -21.64
CA PRO B 40 -30.05 12.40 -22.20
C PRO B 40 -28.81 11.57 -21.90
N ILE B 41 -28.96 10.25 -22.02
CA ILE B 41 -27.86 9.33 -21.72
C ILE B 41 -26.61 9.69 -22.52
N ASP B 42 -26.77 10.00 -23.81
CA ASP B 42 -25.60 10.33 -24.62
C ASP B 42 -25.00 11.70 -24.30
N GLY B 43 -25.61 12.48 -23.41
CA GLY B 43 -25.05 13.73 -22.94
C GLY B 43 -24.38 13.66 -21.58
N GLN B 44 -24.40 12.49 -20.93
CA GLN B 44 -23.85 12.35 -19.59
C GLN B 44 -22.35 12.09 -19.64
N ILE B 45 -21.62 12.60 -18.64
CA ILE B 45 -20.21 12.23 -18.48
C ILE B 45 -20.12 10.72 -18.30
N LYS B 46 -19.15 10.09 -18.98
CA LYS B 46 -19.00 8.64 -18.95
C LYS B 46 -17.55 8.26 -18.71
N LEU B 47 -17.34 7.29 -17.82
CA LEU B 47 -16.01 6.76 -17.51
C LEU B 47 -16.01 5.27 -17.80
N THR B 48 -15.04 4.80 -18.59
CA THR B 48 -14.91 3.39 -18.93
C THR B 48 -13.53 2.91 -18.55
N GLY B 49 -13.45 1.80 -17.83
CA GLY B 49 -12.21 1.10 -17.57
C GLY B 49 -12.23 -0.25 -18.28
N GLN B 50 -11.19 -0.53 -19.05
CA GLN B 50 -11.11 -1.78 -19.78
C GLN B 50 -9.70 -2.33 -19.72
N TRP B 51 -9.60 -3.64 -19.81
CA TRP B 51 -8.28 -4.26 -19.73
C TRP B 51 -8.29 -5.56 -20.52
N GLU B 52 -7.11 -5.94 -21.00
CA GLU B 52 -6.96 -7.15 -21.78
C GLU B 52 -5.55 -7.69 -21.58
N ARG B 53 -5.46 -9.00 -21.40
CA ARG B 53 -4.18 -9.70 -21.45
C ARG B 53 -3.95 -10.12 -22.90
N MET B 54 -3.04 -9.44 -23.58
CA MET B 54 -2.82 -9.68 -25.00
C MET B 54 -2.09 -11.01 -25.20
N LYS B 55 -1.97 -11.40 -26.47
CA LYS B 55 -1.46 -12.73 -26.79
C LYS B 55 -0.03 -12.93 -26.28
N ASP B 56 0.81 -11.90 -26.37
CA ASP B 56 2.19 -11.99 -25.92
C ASP B 56 2.34 -11.84 -24.40
N GLY B 57 1.23 -11.81 -23.65
CA GLY B 57 1.28 -11.69 -22.21
C GLY B 57 1.33 -10.27 -21.69
N THR B 58 1.42 -9.27 -22.56
CA THR B 58 1.38 -7.89 -22.13
C THR B 58 -0.04 -7.51 -21.74
N TYR B 59 -0.18 -6.78 -20.64
CA TYR B 59 -1.47 -6.22 -20.26
C TYR B 59 -1.59 -4.81 -20.82
N ARG B 60 -2.76 -4.52 -21.39
CA ARG B 60 -3.12 -3.19 -21.86
C ARG B 60 -4.34 -2.75 -21.06
N LEU B 61 -4.19 -1.68 -20.28
CA LEU B 61 -5.25 -1.18 -19.42
C LEU B 61 -5.59 0.23 -19.84
N ASN B 62 -6.89 0.56 -19.87
CA ASN B 62 -7.32 1.87 -20.35
C ASN B 62 -8.44 2.42 -19.46
N ALA B 63 -8.31 3.71 -19.10
CA ALA B 63 -9.37 4.46 -18.44
C ALA B 63 -9.69 5.66 -19.33
N LYS B 64 -10.95 5.79 -19.70
CA LYS B 64 -11.39 6.77 -20.69
C LYS B 64 -12.55 7.58 -20.13
N LEU B 65 -12.39 8.91 -20.09
CA LEU B 65 -13.43 9.81 -19.64
C LEU B 65 -13.94 10.60 -20.85
N GLU B 66 -15.26 10.56 -21.06
CA GLU B 66 -15.90 11.25 -22.18
C GLU B 66 -16.84 12.29 -21.61
N VAL B 67 -16.71 13.53 -22.09
CA VAL B 67 -17.55 14.64 -21.65
C VAL B 67 -18.26 15.22 -22.87
N PRO B 68 -19.50 14.81 -23.13
CA PRO B 68 -20.25 15.34 -24.27
C PRO B 68 -20.79 16.74 -23.98
N VAL B 69 -20.96 17.49 -25.07
CA VAL B 69 -21.62 18.80 -25.06
C VAL B 69 -22.79 18.74 -26.02
N MET B 70 -23.96 19.17 -25.56
CA MET B 70 -25.17 19.08 -26.36
C MET B 70 -25.35 20.34 -27.22
N GLU B 71 -25.99 20.15 -28.37
CA GLU B 71 -26.32 21.27 -29.25
C GLU B 71 -27.30 22.21 -28.56
N PRO B 83 -32.05 16.43 -27.81
CA PRO B 83 -31.23 17.07 -28.84
C PRO B 83 -30.21 16.10 -29.44
N LYS B 84 -29.23 16.65 -30.15
CA LYS B 84 -28.12 15.87 -30.68
C LYS B 84 -26.83 16.33 -29.99
N VAL B 85 -25.89 15.39 -29.88
CA VAL B 85 -24.58 15.72 -29.32
C VAL B 85 -23.80 16.57 -30.31
N ALA B 86 -23.35 17.74 -29.87
CA ALA B 86 -22.54 18.60 -30.73
C ALA B 86 -21.14 18.03 -30.90
N TYR B 87 -20.51 17.65 -29.79
CA TYR B 87 -19.15 17.12 -29.78
C TYR B 87 -18.88 16.59 -28.38
N LYS B 88 -17.73 15.94 -28.23
CA LYS B 88 -17.31 15.47 -26.92
C LYS B 88 -15.80 15.59 -26.81
N VAL B 89 -15.33 15.88 -25.61
CA VAL B 89 -13.92 15.85 -25.28
C VAL B 89 -13.64 14.52 -24.57
N THR B 90 -12.58 13.83 -25.01
CA THR B 90 -12.22 12.53 -24.47
C THR B 90 -10.79 12.57 -23.96
N ALA B 91 -10.58 12.08 -22.73
CA ALA B 91 -9.26 11.93 -22.15
C ALA B 91 -9.05 10.48 -21.77
N SER B 92 -7.91 9.92 -22.19
CA SER B 92 -7.72 8.47 -22.18
C SER B 92 -6.33 8.14 -21.67
N LEU B 93 -6.24 7.35 -20.60
CA LEU B 93 -4.97 6.88 -20.05
C LEU B 93 -4.81 5.40 -20.38
N THR B 94 -3.76 5.05 -21.12
CA THR B 94 -3.44 3.67 -21.41
C THR B 94 -2.12 3.30 -20.73
N LEU B 95 -2.13 2.17 -20.02
CA LEU B 95 -0.92 1.61 -19.42
C LEU B 95 -0.57 0.33 -20.17
N TYR B 96 0.64 0.26 -20.71
CA TYR B 96 1.16 -0.93 -21.36
C TYR B 96 2.17 -1.59 -20.43
N ALA B 97 1.88 -2.82 -20.00
CA ALA B 97 2.67 -3.50 -18.99
C ALA B 97 3.09 -4.87 -19.52
N PRO B 98 4.32 -5.00 -20.04
CA PRO B 98 4.78 -6.29 -20.54
C PRO B 98 4.73 -7.38 -19.48
N SER B 99 4.74 -8.63 -19.95
CA SER B 99 4.55 -9.77 -19.06
C SER B 99 5.56 -9.80 -17.92
N ARG B 100 6.79 -9.32 -18.16
CA ARG B 100 7.81 -9.33 -17.12
C ARG B 100 7.60 -8.24 -16.06
N SER B 101 6.68 -7.31 -16.26
CA SER B 101 6.55 -6.16 -15.37
C SER B 101 6.01 -6.57 -14.00
N THR B 102 6.32 -5.75 -12.99
CA THR B 102 6.03 -6.01 -11.59
C THR B 102 5.04 -4.98 -11.04
N ILE B 103 4.50 -5.30 -9.86
CA ILE B 103 3.68 -4.34 -9.11
C ILE B 103 4.41 -3.01 -8.95
N ALA B 104 5.69 -3.08 -8.58
CA ALA B 104 6.46 -1.86 -8.39
C ALA B 104 6.59 -1.06 -9.69
N ASP B 105 6.88 -1.73 -10.80
CA ASP B 105 6.95 -1.03 -12.09
C ASP B 105 5.66 -0.26 -12.35
N ARG B 106 4.52 -0.92 -12.15
CA ARG B 106 3.25 -0.31 -12.50
C ARG B 106 2.88 0.82 -11.54
N ALA B 107 3.15 0.64 -10.24
CA ALA B 107 2.88 1.69 -9.27
C ALA B 107 3.75 2.92 -9.53
N ASN B 108 5.05 2.70 -9.79
CA ASN B 108 5.94 3.83 -10.05
C ASN B 108 5.50 4.61 -11.28
N ALA B 109 5.15 3.88 -12.36
CA ALA B 109 4.79 4.55 -13.62
C ALA B 109 3.49 5.33 -13.48
N MET B 110 2.47 4.74 -12.85
CA MET B 110 1.19 5.43 -12.69
C MET B 110 1.34 6.65 -11.80
N LYS B 111 2.07 6.52 -10.69
CA LYS B 111 2.26 7.67 -9.80
C LYS B 111 2.97 8.80 -10.52
N MET B 112 4.06 8.47 -11.23
CA MET B 112 4.86 9.52 -11.87
C MET B 112 4.12 10.20 -13.01
N LEU B 113 3.40 9.45 -13.85
CA LEU B 113 2.64 10.12 -14.90
C LEU B 113 1.53 10.97 -14.32
N SER B 114 0.84 10.46 -13.29
CA SER B 114 -0.18 11.27 -12.61
C SER B 114 0.42 12.57 -12.09
N ALA B 115 1.66 12.53 -11.60
CA ALA B 115 2.30 13.75 -11.12
C ALA B 115 2.55 14.73 -12.26
N VAL B 116 2.98 14.23 -13.42
CA VAL B 116 3.12 15.09 -14.59
C VAL B 116 1.81 15.80 -14.89
N LEU B 117 0.70 15.04 -14.92
CA LEU B 117 -0.59 15.61 -15.29
C LEU B 117 -1.05 16.64 -14.27
N CYS B 118 -0.68 16.47 -13.02
CA CYS B 118 -1.05 17.39 -11.96
C CYS B 118 -0.02 18.50 -11.74
N GLY B 119 0.91 18.67 -12.66
CA GLY B 119 1.72 19.87 -12.71
C GLY B 119 3.13 19.79 -12.18
N ALA B 120 3.74 18.61 -12.14
CA ALA B 120 5.14 18.52 -11.73
C ALA B 120 6.02 19.46 -12.57
N ASP B 121 7.05 19.99 -11.94
CA ASP B 121 7.88 21.02 -12.57
C ASP B 121 9.32 20.87 -12.06
N ALA B 122 10.10 21.95 -12.18
CA ALA B 122 11.51 21.85 -11.82
C ALA B 122 11.75 21.79 -10.31
N THR B 123 10.73 21.98 -9.49
CA THR B 123 10.88 21.89 -8.04
C THR B 123 10.23 20.61 -7.55
N ALA B 124 10.97 19.85 -6.74
CA ALA B 124 10.46 18.59 -6.22
C ALA B 124 9.15 18.82 -5.45
N GLY B 125 8.16 17.97 -5.73
CA GLY B 125 6.94 17.93 -4.95
C GLY B 125 5.77 18.74 -5.49
N THR B 126 5.97 19.53 -6.55
CA THR B 126 4.92 20.42 -7.03
C THR B 126 3.71 19.63 -7.51
N THR B 127 2.53 20.04 -7.06
CA THR B 127 1.30 19.38 -7.49
C THR B 127 0.12 20.33 -7.34
N LEU B 128 -0.85 20.16 -8.22
CA LEU B 128 -2.14 20.85 -8.16
C LEU B 128 -3.21 19.79 -7.98
N SER B 129 -4.04 19.93 -6.96
CA SER B 129 -4.97 18.85 -6.63
C SER B 129 -6.03 18.71 -7.72
N PRO B 130 -6.26 17.51 -8.23
CA PRO B 130 -7.37 17.30 -9.18
C PRO B 130 -8.73 17.24 -8.49
N GLN B 131 -8.76 17.40 -7.17
CA GLN B 131 -9.99 17.58 -6.40
C GLN B 131 -10.08 18.98 -5.81
N SER B 132 -9.33 19.94 -6.39
CA SER B 132 -9.31 21.31 -5.86
C SER B 132 -10.72 21.88 -5.73
N VAL B 133 -10.95 22.61 -4.64
CA VAL B 133 -12.19 23.36 -4.48
C VAL B 133 -12.06 24.79 -4.98
N THR B 134 -10.91 25.16 -5.53
CA THR B 134 -10.65 26.51 -6.00
C THR B 134 -11.08 26.63 -7.45
N GLY B 135 -12.09 27.46 -7.71
CA GLY B 135 -12.59 27.60 -9.07
C GLY B 135 -11.52 28.11 -10.00
N ASP B 136 -11.51 27.56 -11.22
CA ASP B 136 -10.61 27.97 -12.31
C ASP B 136 -9.14 27.68 -12.05
N ALA B 137 -8.81 26.89 -11.02
CA ALA B 137 -7.40 26.69 -10.69
C ALA B 137 -6.66 25.95 -11.81
N TRP B 138 -7.33 25.02 -12.49
CA TRP B 138 -6.65 24.30 -13.57
C TRP B 138 -6.48 25.19 -14.80
N LYS B 139 -7.55 25.89 -15.23
CA LYS B 139 -7.45 26.73 -16.41
C LYS B 139 -6.56 27.95 -16.20
N ASN B 140 -6.29 28.34 -14.95
CA ASN B 140 -5.39 29.45 -14.66
C ASN B 140 -3.97 29.00 -14.33
N SER B 141 -3.68 27.71 -14.36
CA SER B 141 -2.38 27.21 -13.94
C SER B 141 -1.32 27.42 -15.01
N ALA B 142 -0.11 27.77 -14.59
CA ALA B 142 1.06 27.82 -15.45
C ALA B 142 1.90 26.56 -15.38
N LEU B 143 1.48 25.55 -14.62
CA LEU B 143 2.32 24.37 -14.45
C LEU B 143 2.45 23.61 -15.79
N PRO B 144 3.62 22.99 -16.05
CA PRO B 144 3.97 22.61 -17.43
C PRO B 144 2.94 21.82 -18.21
N PHE B 145 2.53 20.65 -17.71
CA PHE B 145 1.58 19.85 -18.47
C PHE B 145 0.12 20.17 -18.15
N VAL B 146 -0.14 20.97 -17.10
CA VAL B 146 -1.50 21.47 -16.89
C VAL B 146 -1.84 22.51 -17.95
N PHE B 147 -1.02 23.56 -18.03
CA PHE B 147 -1.16 24.53 -19.12
C PHE B 147 -1.06 23.86 -20.48
N GLY B 148 -0.17 22.87 -20.62
CA GLY B 148 0.11 22.30 -21.93
C GLY B 148 -1.09 21.65 -22.57
N PHE B 149 -1.78 20.77 -21.83
CA PHE B 149 -2.98 20.15 -22.39
C PHE B 149 -4.10 21.16 -22.59
N ILE B 150 -4.30 22.07 -21.64
CA ILE B 150 -5.43 22.98 -21.70
C ILE B 150 -5.29 23.96 -22.86
N ASN B 151 -4.06 24.40 -23.14
CA ASN B 151 -3.81 25.37 -24.20
C ASN B 151 -3.29 24.73 -25.49
N GLN B 152 -3.25 23.40 -25.55
CA GLN B 152 -2.95 22.65 -26.76
C GLN B 152 -1.55 22.98 -27.30
N ALA B 153 -0.57 23.07 -26.41
CA ALA B 153 0.81 23.34 -26.80
C ALA B 153 1.71 23.05 -25.61
N PHE B 154 2.69 22.18 -25.79
CA PHE B 154 3.59 21.79 -24.71
C PHE B 154 4.81 22.70 -24.69
N PRO B 155 5.57 22.70 -23.59
CA PRO B 155 6.78 23.54 -23.55
C PRO B 155 7.73 23.22 -24.71
N THR B 156 8.43 24.26 -25.16
CA THR B 156 9.25 24.20 -26.36
C THR B 156 10.75 24.32 -26.09
N PRO C 1 5.64 -30.57 10.50
CA PRO C 1 6.76 -30.34 9.57
C PRO C 1 8.08 -30.23 10.30
N ALA C 2 9.18 -30.56 9.62
CA ALA C 2 10.50 -30.46 10.23
C ALA C 2 10.93 -29.01 10.30
N MET C 3 11.61 -28.65 11.40
CA MET C 3 12.24 -27.35 11.49
C MET C 3 13.23 -27.13 10.34
N THR C 4 13.25 -25.90 9.84
CA THR C 4 14.20 -25.43 8.83
C THR C 4 14.88 -24.18 9.35
N ASN C 5 15.90 -23.72 8.63
CA ASN C 5 16.44 -22.39 8.91
C ASN C 5 15.33 -21.34 8.80
N ILE C 6 15.48 -20.28 9.57
CA ILE C 6 14.59 -19.11 9.49
C ILE C 6 15.48 -17.89 9.30
N VAL C 7 15.30 -17.19 8.18
CA VAL C 7 16.24 -16.16 7.72
C VAL C 7 15.55 -14.80 7.83
N LEU C 8 16.16 -13.90 8.59
CA LEU C 8 15.58 -12.62 8.98
C LEU C 8 16.50 -11.47 8.56
N ARG C 9 15.92 -10.26 8.54
CA ARG C 9 16.63 -9.04 8.17
C ARG C 9 16.47 -8.01 9.28
N ASP C 10 17.58 -7.43 9.73
CA ASP C 10 17.51 -6.37 10.74
C ASP C 10 17.20 -5.02 10.06
N ASP C 11 17.25 -3.94 10.84
CA ASP C 11 16.86 -2.61 10.37
C ASP C 11 18.06 -1.67 10.16
N GLN C 12 19.27 -2.22 10.10
CA GLN C 12 20.45 -1.39 9.96
C GLN C 12 20.44 -0.63 8.63
N THR C 13 21.25 0.44 8.57
CA THR C 13 21.31 1.27 7.38
C THR C 13 21.62 0.44 6.15
N SER C 14 22.56 -0.50 6.25
CA SER C 14 22.71 -1.58 5.29
C SER C 14 22.17 -2.84 5.96
N VAL C 15 20.98 -3.27 5.53
CA VAL C 15 20.27 -4.33 6.24
C VAL C 15 21.10 -5.61 6.28
N ALA C 16 21.21 -6.20 7.47
CA ALA C 16 21.98 -7.42 7.67
C ALA C 16 21.04 -8.62 7.82
N THR C 17 21.49 -9.76 7.31
CA THR C 17 20.74 -11.00 7.32
C THR C 17 21.18 -11.87 8.51
N LYS C 18 20.20 -12.44 9.20
CA LYS C 18 20.42 -13.36 10.31
C LYS C 18 19.82 -14.70 9.95
N THR C 19 20.60 -15.77 10.09
CA THR C 19 20.15 -17.13 9.79
C THR C 19 20.04 -17.89 11.11
N LEU C 20 18.82 -18.23 11.51
CA LEU C 20 18.60 -19.00 12.73
C LEU C 20 18.49 -20.47 12.38
N ILE C 21 19.37 -21.30 12.93
CA ILE C 21 19.43 -22.72 12.60
C ILE C 21 18.71 -23.58 13.65
N PRO C 22 18.08 -24.67 13.25
CA PRO C 22 17.42 -25.54 14.25
C PRO C 22 18.41 -26.14 15.23
N ILE C 23 18.08 -26.05 16.52
CA ILE C 23 18.91 -26.59 17.59
C ILE C 23 18.33 -27.87 18.18
N VAL C 24 17.08 -27.81 18.67
CA VAL C 24 16.47 -28.93 19.36
C VAL C 24 14.96 -28.70 19.41
N SER C 25 14.21 -29.80 19.39
CA SER C 25 12.79 -29.78 19.71
C SER C 25 12.56 -30.88 20.75
N ASP C 26 11.98 -30.49 21.89
CA ASP C 26 11.81 -31.38 23.03
C ASP C 26 10.37 -31.24 23.48
N GLY C 27 9.57 -32.26 23.21
CA GLY C 27 8.14 -32.17 23.44
C GLY C 27 7.57 -30.97 22.72
N ASN C 28 7.01 -30.04 23.48
CA ASN C 28 6.24 -28.93 22.94
C ASN C 28 7.05 -27.65 22.78
N MET C 29 8.37 -27.75 22.68
CA MET C 29 9.22 -26.56 22.58
C MET C 29 10.27 -26.77 21.50
N SER C 30 10.42 -25.79 20.61
CA SER C 30 11.36 -25.86 19.50
C SER C 30 12.24 -24.62 19.53
N VAL C 31 13.55 -24.81 19.35
CA VAL C 31 14.54 -23.75 19.51
C VAL C 31 15.37 -23.63 18.24
N TRP C 32 15.43 -22.41 17.67
CA TRP C 32 16.35 -22.01 16.62
C TRP C 32 17.34 -21.00 17.19
N ARG C 33 18.55 -20.97 16.63
CA ARG C 33 19.55 -20.05 17.17
C ARG C 33 20.54 -19.65 16.06
N GLU C 34 20.95 -18.38 16.08
CA GLU C 34 22.00 -17.95 15.17
C GLU C 34 23.32 -18.60 15.54
N ASN C 35 24.21 -18.72 14.56
CA ASN C 35 25.56 -19.23 14.77
C ASN C 35 26.58 -18.20 14.30
N ALA C 36 26.47 -16.96 14.77
CA ALA C 36 27.44 -15.93 14.43
C ALA C 36 28.81 -16.25 15.02
N ALA C 37 29.86 -15.89 14.28
CA ALA C 37 31.21 -16.19 14.73
C ALA C 37 31.60 -15.31 15.91
N ASN C 38 32.40 -15.87 16.81
CA ASN C 38 32.98 -15.15 17.94
C ASN C 38 31.94 -14.64 18.91
N VAL C 39 30.82 -15.34 19.02
CA VAL C 39 29.77 -15.03 19.97
C VAL C 39 29.45 -16.31 20.74
N PRO C 40 29.46 -16.28 22.08
CA PRO C 40 29.07 -17.46 22.84
C PRO C 40 27.59 -17.77 22.65
N ILE C 41 27.21 -19.00 23.06
CA ILE C 41 25.85 -19.48 22.84
C ILE C 41 24.83 -18.52 23.45
N ASP C 42 25.08 -18.05 24.67
CA ASP C 42 24.15 -17.14 25.33
C ASP C 42 24.15 -15.74 24.75
N GLY C 43 24.95 -15.48 23.71
CA GLY C 43 24.92 -14.18 23.06
C GLY C 43 24.28 -14.22 21.68
N GLN C 44 23.85 -15.40 21.23
CA GLN C 44 23.25 -15.54 19.91
C GLN C 44 21.77 -15.18 19.92
N ILE C 45 21.29 -14.66 18.79
CA ILE C 45 19.85 -14.51 18.60
C ILE C 45 19.18 -15.87 18.71
N LYS C 46 18.09 -15.94 19.47
CA LYS C 46 17.41 -17.19 19.75
C LYS C 46 15.91 -17.02 19.54
N LEU C 47 15.30 -17.99 18.87
CA LEU C 47 13.86 -18.03 18.65
C LEU C 47 13.30 -19.32 19.22
N THR C 48 12.27 -19.21 20.04
CA THR C 48 11.65 -20.36 20.69
C THR C 48 10.16 -20.38 20.38
N GLY C 49 9.68 -21.50 19.84
CA GLY C 49 8.27 -21.71 19.67
C GLY C 49 7.77 -22.77 20.62
N GLN C 50 6.75 -22.46 21.44
CA GLN C 50 6.26 -23.44 22.39
C GLN C 50 4.73 -23.42 22.42
N TRP C 51 4.15 -24.55 22.82
CA TRP C 51 2.69 -24.63 22.86
C TRP C 51 2.26 -25.58 23.96
N GLU C 52 1.05 -25.36 24.47
CA GLU C 52 0.47 -26.22 25.49
C GLU C 52 -1.03 -26.32 25.24
N ARG C 53 -1.54 -27.55 25.38
CA ARG C 53 -2.97 -27.81 25.34
C ARG C 53 -3.43 -28.06 26.77
N MET C 54 -4.36 -27.24 27.24
CA MET C 54 -4.93 -27.44 28.57
C MET C 54 -5.91 -28.61 28.55
N LYS C 55 -6.23 -29.10 29.75
CA LYS C 55 -7.11 -30.26 29.85
C LYS C 55 -8.47 -30.00 29.18
N ASP C 56 -8.95 -28.76 29.19
CA ASP C 56 -10.23 -28.41 28.61
C ASP C 56 -10.17 -28.12 27.11
N GLY C 57 -9.02 -28.32 26.47
CA GLY C 57 -8.89 -28.10 25.04
C GLY C 57 -8.40 -26.73 24.64
N THR C 58 -8.20 -25.82 25.58
CA THR C 58 -7.62 -24.51 25.26
C THR C 58 -6.17 -24.67 24.85
N TYR C 59 -5.74 -23.87 23.86
CA TYR C 59 -4.36 -23.83 23.43
C TYR C 59 -3.73 -22.48 23.75
N ARG C 60 -2.48 -22.52 24.23
CA ARG C 60 -1.66 -21.33 24.40
C ARG C 60 -0.39 -21.56 23.59
N LEU C 61 -0.12 -20.68 22.64
CA LEU C 61 1.04 -20.79 21.78
C LEU C 61 1.89 -19.53 21.95
N ASN C 62 3.21 -19.70 21.93
CA ASN C 62 4.12 -18.59 22.16
C ASN C 62 5.31 -18.69 21.24
N ALA C 63 5.66 -17.56 20.62
CA ALA C 63 6.89 -17.41 19.86
C ALA C 63 7.68 -16.28 20.48
N LYS C 64 8.93 -16.55 20.85
CA LYS C 64 9.77 -15.61 21.60
C LYS C 64 11.09 -15.43 20.88
N LEU C 65 11.42 -14.17 20.57
CA LEU C 65 12.71 -13.82 19.96
C LEU C 65 13.54 -13.06 20.97
N GLU C 66 14.75 -13.55 21.24
CA GLU C 66 15.67 -12.91 22.18
C GLU C 66 16.91 -12.43 21.41
N VAL C 67 17.28 -11.17 21.62
CA VAL C 67 18.44 -10.58 20.98
C VAL C 67 19.38 -10.06 22.05
N PRO C 68 20.40 -10.83 22.41
CA PRO C 68 21.35 -10.38 23.45
C PRO C 68 22.34 -9.35 22.93
N VAL C 69 22.83 -8.53 23.86
CA VAL C 69 23.91 -7.57 23.62
C VAL C 69 25.01 -7.87 24.63
N MET C 70 26.24 -8.03 24.13
CA MET C 70 27.37 -8.34 25.00
C MET C 70 27.99 -7.06 25.55
N GLU C 71 28.55 -7.16 26.75
CA GLU C 71 29.24 -6.03 27.37
C GLU C 71 30.45 -5.60 26.54
N PRO C 83 33.54 -13.12 27.43
CA PRO C 83 32.68 -11.95 27.63
C PRO C 83 31.39 -12.29 28.37
N LYS C 84 30.69 -11.25 28.80
CA LYS C 84 29.48 -11.38 29.60
C LYS C 84 28.33 -10.70 28.87
N VAL C 85 27.12 -11.24 29.04
CA VAL C 85 25.95 -10.65 28.41
C VAL C 85 25.56 -9.38 29.17
N ALA C 86 25.44 -8.27 28.44
CA ALA C 86 25.04 -7.01 29.07
C ALA C 86 23.55 -6.98 29.36
N TYR C 87 22.73 -7.25 28.34
CA TYR C 87 21.28 -7.29 28.46
C TYR C 87 20.75 -7.95 27.20
N LYS C 88 19.45 -8.23 27.21
CA LYS C 88 18.79 -8.76 26.02
C LYS C 88 17.45 -8.06 25.84
N VAL C 89 17.08 -7.83 24.59
CA VAL C 89 15.74 -7.40 24.21
C VAL C 89 14.95 -8.64 23.81
N THR C 90 13.71 -8.76 24.31
CA THR C 90 12.88 -9.92 24.09
C THR C 90 11.53 -9.47 23.53
N ALA C 91 11.11 -10.07 22.42
CA ALA C 91 9.80 -9.83 21.85
C ALA C 91 9.05 -11.17 21.79
N SER C 92 7.79 -11.16 22.22
CA SER C 92 7.06 -12.40 22.47
C SER C 92 5.63 -12.25 21.97
N LEU C 93 5.18 -13.19 21.14
CA LEU C 93 3.79 -13.22 20.68
C LEU C 93 3.11 -14.44 21.31
N THR C 94 2.04 -14.19 22.06
CA THR C 94 1.25 -15.26 22.64
C THR C 94 -0.15 -15.26 22.02
N LEU C 95 -0.58 -16.44 21.56
CA LEU C 95 -1.93 -16.65 21.06
C LEU C 95 -2.69 -17.50 22.06
N TYR C 96 -3.82 -16.99 22.54
CA TYR C 96 -4.73 -17.71 23.42
C TYR C 96 -5.93 -18.12 22.59
N ALA C 97 -6.14 -19.43 22.44
CA ALA C 97 -7.18 -19.96 21.56
C ALA C 97 -8.07 -20.93 22.33
N PRO C 98 -9.25 -20.50 22.76
CA PRO C 98 -10.17 -21.41 23.48
C PRO C 98 -10.56 -22.61 22.63
N SER C 99 -11.02 -23.66 23.32
CA SER C 99 -11.27 -24.96 22.68
C SER C 99 -12.27 -24.86 21.52
N ARG C 100 -13.26 -23.98 21.62
CA ARG C 100 -14.23 -23.84 20.52
C ARG C 100 -13.66 -23.08 19.32
N SER C 101 -12.49 -22.47 19.41
CA SER C 101 -11.99 -21.64 18.33
C SER C 101 -11.67 -22.49 17.10
N THR C 102 -11.70 -21.84 15.93
CA THR C 102 -11.55 -22.49 14.64
C THR C 102 -10.31 -21.96 13.92
N ILE C 103 -9.98 -22.65 12.83
CA ILE C 103 -8.88 -22.21 11.96
C ILE C 103 -9.12 -20.77 11.49
N ALA C 104 -10.35 -20.45 11.12
CA ALA C 104 -10.67 -19.09 10.68
C ALA C 104 -10.45 -18.08 11.79
N ASP C 105 -10.91 -18.39 13.02
CA ASP C 105 -10.71 -17.45 14.13
C ASP C 105 -9.22 -17.16 14.32
N ARG C 106 -8.40 -18.21 14.32
CA ARG C 106 -6.98 -18.02 14.59
C ARG C 106 -6.27 -17.32 13.44
N ALA C 107 -6.64 -17.66 12.20
CA ALA C 107 -6.06 -16.97 11.04
C ALA C 107 -6.41 -15.49 11.05
N ASN C 108 -7.67 -15.16 11.35
CA ASN C 108 -8.07 -13.75 11.41
C ASN C 108 -7.26 -12.98 12.46
N ALA C 109 -7.13 -13.56 13.65
CA ALA C 109 -6.45 -12.85 14.74
C ALA C 109 -4.96 -12.66 14.43
N MET C 110 -4.29 -13.70 13.93
CA MET C 110 -2.86 -13.59 13.64
C MET C 110 -2.60 -12.60 12.51
N LYS C 111 -3.42 -12.64 11.45
CA LYS C 111 -3.22 -11.71 10.34
C LYS C 111 -3.43 -10.28 10.79
N MET C 112 -4.48 -10.02 11.57
CA MET C 112 -4.81 -8.65 11.95
C MET C 112 -3.81 -8.09 12.95
N LEU C 113 -3.38 -8.87 13.94
CA LEU C 113 -2.34 -8.36 14.84
C LEU C 113 -1.04 -8.12 14.10
N SER C 114 -0.67 -9.04 13.18
CA SER C 114 0.52 -8.82 12.36
C SER C 114 0.44 -7.54 11.56
N ALA C 115 -0.78 -7.19 11.08
CA ALA C 115 -0.93 -5.95 10.32
C ALA C 115 -0.73 -4.72 11.22
N VAL C 116 -1.25 -4.77 12.45
CA VAL C 116 -0.97 -3.71 13.43
C VAL C 116 0.54 -3.52 13.59
N LEU C 117 1.26 -4.63 13.83
CA LEU C 117 2.70 -4.55 14.07
C LEU C 117 3.46 -4.01 12.86
N CYS C 118 2.96 -4.28 11.65
CA CYS C 118 3.56 -3.80 10.41
C CYS C 118 2.99 -2.45 9.96
N GLY C 119 2.31 -1.73 10.83
CA GLY C 119 2.00 -0.33 10.58
C GLY C 119 0.63 0.02 10.06
N ALA C 120 -0.38 -0.84 10.24
CA ALA C 120 -1.73 -0.47 9.84
C ALA C 120 -2.13 0.86 10.46
N ASP C 121 -2.91 1.65 9.72
CA ASP C 121 -3.24 3.01 10.14
C ASP C 121 -4.64 3.36 9.63
N ALA C 122 -4.95 4.66 9.54
CA ALA C 122 -6.30 5.06 9.18
C ALA C 122 -6.64 4.83 7.71
N THR C 123 -5.65 4.50 6.88
CA THR C 123 -5.87 4.23 5.45
C THR C 123 -5.80 2.73 5.19
N ALA C 124 -6.85 2.18 4.57
CA ALA C 124 -6.88 0.76 4.23
C ALA C 124 -5.62 0.36 3.46
N GLY C 125 -5.05 -0.78 3.86
CA GLY C 125 -3.96 -1.39 3.11
C GLY C 125 -2.56 -1.06 3.58
N THR C 126 -2.40 -0.11 4.52
CA THR C 126 -1.05 0.35 4.85
C THR C 126 -0.24 -0.78 5.49
N THR C 127 0.97 -0.98 4.99
CA THR C 127 1.88 -1.96 5.57
C THR C 127 3.33 -1.56 5.27
N LEU C 128 4.21 -1.93 6.19
CA LEU C 128 5.66 -1.83 6.07
C LEU C 128 6.23 -3.23 6.21
N SER C 129 7.00 -3.66 5.22
CA SER C 129 7.40 -5.06 5.20
C SER C 129 8.44 -5.34 6.28
N PRO C 130 8.28 -6.40 7.05
CA PRO C 130 9.31 -6.81 8.01
C PRO C 130 10.49 -7.52 7.36
N GLN C 131 10.48 -7.65 6.03
CA GLN C 131 11.61 -8.12 5.25
C GLN C 131 12.19 -7.01 4.37
N SER C 132 11.90 -5.75 4.68
CA SER C 132 12.38 -4.65 3.84
C SER C 132 13.89 -4.65 3.71
N VAL C 133 14.38 -4.35 2.51
CA VAL C 133 15.80 -4.07 2.31
C VAL C 133 16.10 -2.58 2.35
N THR C 134 15.11 -1.75 2.70
CA THR C 134 15.33 -0.33 2.91
C THR C 134 15.90 -0.13 4.30
N GLY C 135 17.16 0.30 4.37
CA GLY C 135 17.79 0.51 5.67
C GLY C 135 17.06 1.56 6.48
N ASP C 136 16.95 1.29 7.79
CA ASP C 136 16.37 2.21 8.78
C ASP C 136 14.87 2.45 8.60
N ALA C 137 14.20 1.69 7.72
CA ALA C 137 12.78 1.96 7.47
C ALA C 137 11.93 1.82 8.73
N TRP C 138 12.24 0.84 9.59
CA TRP C 138 11.44 0.65 10.79
C TRP C 138 11.69 1.77 11.81
N LYS C 139 12.96 2.10 12.07
CA LYS C 139 13.25 3.15 13.05
C LYS C 139 12.87 4.54 12.56
N ASN C 140 12.68 4.72 11.25
CA ASN C 140 12.23 5.99 10.70
C ASN C 140 10.72 6.08 10.51
N SER C 141 10.00 4.99 10.77
CA SER C 141 8.58 4.94 10.45
C SER C 141 7.75 5.76 11.45
N ALA C 142 6.73 6.44 10.92
CA ALA C 142 5.73 7.12 11.75
C ALA C 142 4.47 6.29 11.93
N LEU C 143 4.44 5.07 11.40
CA LEU C 143 3.20 4.29 11.46
C LEU C 143 2.89 3.91 12.92
N PRO C 144 1.58 3.85 13.29
CA PRO C 144 1.21 3.92 14.71
C PRO C 144 1.92 2.96 15.65
N PHE C 145 1.84 1.66 15.41
CA PHE C 145 2.47 0.70 16.32
C PHE C 145 3.91 0.36 15.94
N VAL C 146 4.38 0.77 14.77
CA VAL C 146 5.82 0.67 14.48
C VAL C 146 6.58 1.70 15.32
N PHE C 147 6.20 2.98 15.17
CA PHE C 147 6.76 4.03 16.01
C PHE C 147 6.51 3.75 17.49
N GLY C 148 5.31 3.23 17.80
CA GLY C 148 4.92 3.06 19.20
C GLY C 148 5.83 2.14 19.98
N PHE C 149 6.12 0.94 19.44
CA PHE C 149 7.02 0.03 20.13
C PHE C 149 8.45 0.57 20.18
N ILE C 150 8.94 1.14 19.07
CA ILE C 150 10.35 1.54 19.01
C ILE C 150 10.62 2.72 19.91
N ASN C 151 9.67 3.65 20.03
CA ASN C 151 9.83 4.83 20.86
C ASN C 151 9.14 4.70 22.21
N GLN C 152 8.66 3.50 22.54
CA GLN C 152 8.23 3.15 23.89
C GLN C 152 7.04 3.97 24.37
N ALA C 153 6.11 4.25 23.45
CA ALA C 153 4.89 4.98 23.79
C ALA C 153 3.89 4.88 22.65
N PHE C 154 2.65 4.54 22.97
CA PHE C 154 1.62 4.39 21.96
C PHE C 154 0.81 5.67 21.82
N PRO C 155 0.07 5.82 20.71
CA PRO C 155 -0.75 7.03 20.54
C PRO C 155 -1.72 7.24 21.70
N THR C 156 -2.04 8.50 21.96
CA THR C 156 -2.86 8.85 23.12
C THR C 156 -4.10 9.69 22.79
N PRO D 1 1.65 11.04 19.34
CA PRO D 1 0.59 11.62 18.49
C PRO D 1 -0.77 11.11 18.92
N ALA D 2 -1.83 11.78 18.49
CA ALA D 2 -3.18 11.34 18.84
C ALA D 2 -3.54 10.05 18.13
N MET D 3 -4.35 9.23 18.81
CA MET D 3 -4.89 8.03 18.21
C MET D 3 -5.68 8.36 16.95
N THR D 4 -5.58 7.48 15.95
CA THR D 4 -6.36 7.53 14.73
C THR D 4 -7.01 6.17 14.54
N ASN D 5 -7.96 6.08 13.60
CA ASN D 5 -8.48 4.78 13.22
C ASN D 5 -7.35 3.85 12.79
N ILE D 6 -7.55 2.56 13.02
CA ILE D 6 -6.64 1.52 12.55
C ILE D 6 -7.45 0.55 11.70
N VAL D 7 -7.07 0.40 10.43
CA VAL D 7 -7.88 -0.30 9.44
C VAL D 7 -7.17 -1.59 9.04
N LEU D 8 -7.86 -2.72 9.22
CA LEU D 8 -7.30 -4.06 9.14
C LEU D 8 -8.12 -4.91 8.17
N ARG D 9 -7.52 -6.03 7.75
CA ARG D 9 -8.15 -6.99 6.85
C ARG D 9 -8.14 -8.39 7.47
N ASP D 10 -9.28 -9.08 7.45
CA ASP D 10 -9.32 -10.43 7.96
C ASP D 10 -8.88 -11.42 6.87
N ASP D 11 -8.96 -12.73 7.15
CA ASP D 11 -8.51 -13.78 6.24
C ASP D 11 -9.66 -14.50 5.53
N GLN D 12 -10.88 -13.93 5.55
CA GLN D 12 -12.01 -14.61 4.93
C GLN D 12 -11.83 -14.75 3.43
N THR D 13 -12.57 -15.70 2.85
CA THR D 13 -12.50 -15.97 1.41
C THR D 13 -12.72 -14.70 0.61
N SER D 14 -13.69 -13.90 1.00
CA SER D 14 -13.81 -12.51 0.54
C SER D 14 -13.32 -11.65 1.70
N VAL D 15 -12.12 -11.08 1.57
CA VAL D 15 -11.48 -10.40 2.68
C VAL D 15 -12.35 -9.23 3.15
N ALA D 16 -12.59 -9.15 4.45
CA ALA D 16 -13.40 -8.10 5.05
C ALA D 16 -12.52 -7.09 5.76
N THR D 17 -12.93 -5.82 5.71
CA THR D 17 -12.19 -4.73 6.31
C THR D 17 -12.80 -4.40 7.68
N LYS D 18 -11.93 -4.18 8.66
CA LYS D 18 -12.32 -3.81 10.02
C LYS D 18 -11.73 -2.44 10.35
N THR D 19 -12.56 -1.55 10.86
CA THR D 19 -12.09 -0.22 11.27
C THR D 19 -12.17 -0.12 12.78
N LEU D 20 -11.02 -0.02 13.44
CA LEU D 20 -10.96 0.15 14.88
C LEU D 20 -10.85 1.63 15.20
N ILE D 21 -11.83 2.14 15.94
CA ILE D 21 -11.99 3.55 16.26
C ILE D 21 -11.35 3.84 17.62
N PRO D 22 -10.64 4.95 17.79
CA PRO D 22 -10.09 5.26 19.13
C PRO D 22 -11.19 5.43 20.15
N ILE D 23 -11.01 4.79 21.32
CA ILE D 23 -11.98 4.83 22.41
C ILE D 23 -11.52 5.77 23.53
N VAL D 24 -10.35 5.48 24.10
CA VAL D 24 -9.89 6.20 25.29
C VAL D 24 -8.40 5.92 25.45
N SER D 25 -7.68 6.86 26.04
CA SER D 25 -6.31 6.65 26.48
C SER D 25 -6.12 7.37 27.81
N ASP D 26 -5.38 6.74 28.73
CA ASP D 26 -5.11 7.36 30.03
C ASP D 26 -3.63 7.62 30.26
N GLY D 27 -2.80 7.53 29.23
CA GLY D 27 -1.39 7.78 29.36
C GLY D 27 -0.56 6.56 29.72
N ASN D 28 -1.21 5.45 30.09
CA ASN D 28 -0.57 4.15 30.23
C ASN D 28 -1.22 3.07 29.38
N MET D 29 -2.43 3.30 28.90
CA MET D 29 -3.20 2.32 28.14
C MET D 29 -4.05 3.08 27.14
N SER D 30 -4.04 2.62 25.89
CA SER D 30 -4.84 3.20 24.82
C SER D 30 -5.66 2.09 24.17
N VAL D 31 -6.93 2.39 23.88
CA VAL D 31 -7.90 1.40 23.42
C VAL D 31 -8.53 1.87 22.12
N TRP D 32 -8.57 0.97 21.13
CA TRP D 32 -9.33 1.13 19.89
C TRP D 32 -10.32 -0.04 19.80
N ARG D 33 -11.48 0.19 19.19
CA ARG D 33 -12.51 -0.85 19.14
C ARG D 33 -13.37 -0.70 17.88
N GLU D 34 -13.75 -1.83 17.30
CA GLU D 34 -14.69 -1.83 16.19
C GLU D 34 -16.10 -1.47 16.67
N ASN D 35 -16.92 -1.01 15.74
CA ASN D 35 -18.33 -0.72 16.00
C ASN D 35 -19.21 -1.50 15.03
N ALA D 36 -19.05 -2.81 14.97
CA ALA D 36 -19.91 -3.63 14.13
C ALA D 36 -21.34 -3.66 14.67
N ALA D 37 -22.30 -3.74 13.76
CA ALA D 37 -23.71 -3.73 14.14
C ALA D 37 -24.09 -5.04 14.82
N ASN D 38 -25.04 -4.93 15.76
CA ASN D 38 -25.69 -6.07 16.41
C ASN D 38 -24.73 -6.94 17.22
N VAL D 39 -23.60 -6.37 17.63
CA VAL D 39 -22.57 -7.07 18.39
C VAL D 39 -22.47 -6.36 19.75
N PRO D 40 -22.40 -7.07 20.86
CA PRO D 40 -22.29 -6.39 22.16
C PRO D 40 -20.92 -5.75 22.31
N ILE D 41 -20.82 -4.83 23.27
CA ILE D 41 -19.60 -4.04 23.42
C ILE D 41 -18.40 -4.94 23.70
N ASP D 42 -18.58 -5.99 24.50
CA ASP D 42 -17.52 -6.92 24.80
C ASP D 42 -17.31 -7.96 23.71
N GLY D 43 -18.10 -7.92 22.64
CA GLY D 43 -17.91 -8.77 21.48
C GLY D 43 -17.23 -8.09 20.30
N GLN D 44 -16.88 -6.82 20.41
CA GLN D 44 -16.22 -6.11 19.32
C GLN D 44 -14.73 -6.42 19.29
N ILE D 45 -14.14 -6.38 18.08
CA ILE D 45 -12.68 -6.45 17.99
C ILE D 45 -12.10 -5.28 18.76
N LYS D 46 -11.11 -5.56 19.61
CA LYS D 46 -10.56 -4.54 20.49
C LYS D 46 -9.04 -4.64 20.50
N LEU D 47 -8.39 -3.50 20.33
CA LEU D 47 -6.93 -3.39 20.36
C LEU D 47 -6.52 -2.50 21.52
N THR D 48 -5.64 -3.01 22.38
CA THR D 48 -5.14 -2.26 23.53
C THR D 48 -3.62 -2.18 23.45
N GLY D 49 -3.11 -0.95 23.58
CA GLY D 49 -1.67 -0.72 23.71
C GLY D 49 -1.35 -0.19 25.08
N GLN D 50 -0.48 -0.88 25.82
CA GLN D 50 -0.15 -0.45 27.17
C GLN D 50 1.37 -0.49 27.37
N TRP D 51 1.85 0.33 28.30
CA TRP D 51 3.28 0.40 28.58
C TRP D 51 3.50 0.74 30.05
N GLU D 52 4.56 0.17 30.62
CA GLU D 52 4.89 0.41 32.02
C GLU D 52 6.36 0.07 32.25
N ARG D 53 6.88 0.58 33.37
CA ARG D 53 8.23 0.28 33.84
C ARG D 53 8.14 -0.84 34.87
N MET D 54 8.98 -1.85 34.72
CA MET D 54 9.02 -2.94 35.68
C MET D 54 9.92 -2.56 36.86
N LYS D 55 9.96 -3.46 37.85
CA LYS D 55 10.71 -3.23 39.08
C LYS D 55 12.17 -2.87 38.79
N ASP D 56 12.78 -3.57 37.83
CA ASP D 56 14.18 -3.40 37.50
C ASP D 56 14.44 -2.27 36.51
N GLY D 57 13.42 -1.53 36.11
CA GLY D 57 13.58 -0.47 35.13
C GLY D 57 13.36 -0.87 33.69
N THR D 58 13.07 -2.14 33.43
CA THR D 58 12.81 -2.58 32.07
C THR D 58 11.45 -2.07 31.60
N TYR D 59 11.41 -1.54 30.38
CA TYR D 59 10.15 -1.13 29.77
C TYR D 59 9.43 -2.37 29.23
N ARG D 60 8.16 -2.53 29.62
CA ARG D 60 7.31 -3.61 29.12
C ARG D 60 6.21 -2.97 28.30
N LEU D 61 6.20 -3.22 26.99
CA LEU D 61 5.20 -2.70 26.08
C LEU D 61 4.37 -3.86 25.55
N ASN D 62 3.05 -3.67 25.47
CA ASN D 62 2.16 -4.74 25.06
C ASN D 62 1.11 -4.22 24.10
N ALA D 63 0.88 -4.95 23.00
CA ALA D 63 -0.24 -4.74 22.11
C ALA D 63 -1.07 -6.00 22.09
N LYS D 64 -2.36 -5.88 22.43
CA LYS D 64 -3.25 -7.02 22.58
C LYS D 64 -4.45 -6.83 21.66
N LEU D 65 -4.69 -7.80 20.78
CA LEU D 65 -5.86 -7.81 19.90
C LEU D 65 -6.81 -8.92 20.36
N GLU D 66 -8.03 -8.55 20.73
CA GLU D 66 -9.07 -9.49 21.13
C GLU D 66 -10.09 -9.60 19.99
N VAL D 67 -10.33 -10.82 19.53
CA VAL D 67 -11.26 -11.08 18.43
C VAL D 67 -12.37 -12.01 18.93
N PRO D 68 -13.47 -11.47 19.43
CA PRO D 68 -14.51 -12.32 20.01
C PRO D 68 -15.35 -13.01 18.93
N VAL D 69 -16.01 -14.09 19.36
CA VAL D 69 -16.98 -14.82 18.56
C VAL D 69 -18.27 -14.89 19.36
N MET D 70 -19.39 -14.57 18.73
CA MET D 70 -20.68 -14.56 19.40
C MET D 70 -21.40 -15.90 19.23
N GLU D 71 -22.28 -16.22 20.20
CA GLU D 71 -23.22 -17.30 19.98
C GLU D 71 -24.14 -16.96 18.81
N THR D 72 -24.69 -17.99 18.19
CA THR D 72 -25.56 -17.81 17.02
C THR D 72 -27.01 -17.90 17.48
N ALA D 73 -27.77 -16.84 17.20
CA ALA D 73 -29.19 -16.86 17.55
C ALA D 73 -29.94 -17.82 16.65
N GLY D 74 -31.00 -18.42 17.20
CA GLY D 74 -31.83 -19.34 16.43
C GLY D 74 -32.97 -18.65 15.71
N VAL D 80 -31.53 -6.87 15.71
CA VAL D 80 -31.96 -7.79 16.76
C VAL D 80 -31.06 -7.59 17.99
N ALA D 81 -31.47 -8.16 19.12
CA ALA D 81 -30.68 -8.09 20.34
C ALA D 81 -29.34 -8.77 20.11
N PRO D 82 -28.23 -8.13 20.48
CA PRO D 82 -26.92 -8.75 20.30
C PRO D 82 -26.80 -10.01 21.13
N PRO D 83 -26.25 -11.09 20.56
CA PRO D 83 -26.12 -12.34 21.33
C PRO D 83 -25.00 -12.26 22.35
N LYS D 84 -24.92 -13.31 23.16
CA LYS D 84 -23.83 -13.45 24.13
C LYS D 84 -22.51 -13.73 23.40
N VAL D 85 -21.41 -13.36 24.05
CA VAL D 85 -20.08 -13.71 23.56
C VAL D 85 -19.80 -15.17 23.89
N ALA D 86 -19.45 -15.96 22.87
CA ALA D 86 -19.15 -17.37 23.08
C ALA D 86 -17.74 -17.57 23.63
N TYR D 87 -16.76 -16.90 23.03
CA TYR D 87 -15.35 -16.99 23.42
C TYR D 87 -14.61 -15.89 22.69
N LYS D 88 -13.33 -15.72 23.03
CA LYS D 88 -12.46 -14.75 22.38
C LYS D 88 -11.13 -15.41 22.07
N VAL D 89 -10.58 -15.13 20.89
CA VAL D 89 -9.20 -15.43 20.57
C VAL D 89 -8.41 -14.15 20.78
N THR D 90 -7.30 -14.25 21.51
CA THR D 90 -6.48 -13.10 21.87
C THR D 90 -5.06 -13.31 21.39
N ALA D 91 -4.52 -12.34 20.67
CA ALA D 91 -3.12 -12.34 20.26
C ALA D 91 -2.44 -11.16 20.92
N SER D 92 -1.28 -11.41 21.53
CA SER D 92 -0.64 -10.43 22.42
C SER D 92 0.85 -10.38 22.11
N LEU D 93 1.36 -9.19 21.79
CA LEU D 93 2.78 -8.98 21.54
C LEU D 93 3.33 -8.16 22.71
N THR D 94 4.31 -8.72 23.41
CA THR D 94 5.01 -8.02 24.47
C THR D 94 6.48 -7.81 24.09
N LEU D 95 6.95 -6.57 24.24
CA LEU D 95 8.35 -6.23 24.07
C LEU D 95 8.93 -5.89 25.44
N TYR D 96 10.01 -6.58 25.81
CA TYR D 96 10.77 -6.27 27.02
C TYR D 96 12.05 -5.56 26.59
N ALA D 97 12.20 -4.31 27.00
CA ALA D 97 13.32 -3.47 26.59
C ALA D 97 14.03 -2.93 27.81
N PRO D 98 15.15 -3.55 28.22
CA PRO D 98 15.90 -3.04 29.38
C PRO D 98 16.32 -1.59 29.18
N SER D 99 16.58 -0.91 30.30
CA SER D 99 16.82 0.53 30.25
C SER D 99 18.04 0.89 29.40
N ARG D 100 19.00 -0.02 29.28
CA ARG D 100 20.17 0.22 28.44
C ARG D 100 19.89 0.05 26.96
N SER D 101 18.74 -0.49 26.58
CA SER D 101 18.48 -0.77 25.17
C SER D 101 18.30 0.53 24.37
N THR D 102 18.51 0.42 23.07
CA THR D 102 18.52 1.55 22.15
C THR D 102 17.36 1.45 21.16
N ILE D 103 17.12 2.57 20.47
CA ILE D 103 16.19 2.59 19.34
C ILE D 103 16.53 1.48 18.35
N ALA D 104 17.82 1.31 18.04
CA ALA D 104 18.23 0.29 17.09
C ALA D 104 17.90 -1.11 17.59
N ASP D 105 18.19 -1.39 18.87
CA ASP D 105 17.85 -2.69 19.44
C ASP D 105 16.36 -2.98 19.26
N ARG D 106 15.52 -2.01 19.59
CA ARG D 106 14.08 -2.23 19.55
C ARG D 106 13.55 -2.35 18.12
N ALA D 107 14.07 -1.53 17.20
CA ALA D 107 13.69 -1.65 15.79
C ALA D 107 14.08 -3.00 15.21
N ASN D 108 15.31 -3.45 15.48
CA ASN D 108 15.75 -4.75 14.98
C ASN D 108 14.85 -5.86 15.49
N ALA D 109 14.56 -5.87 16.80
CA ALA D 109 13.78 -6.95 17.39
C ALA D 109 12.35 -6.96 16.87
N MET D 110 11.72 -5.79 16.79
CA MET D 110 10.33 -5.75 16.33
C MET D 110 10.22 -6.15 14.86
N LYS D 111 11.16 -5.67 14.02
CA LYS D 111 11.14 -6.05 12.62
C LYS D 111 11.31 -7.56 12.48
N MET D 112 12.32 -8.12 13.16
CA MET D 112 12.62 -9.54 13.01
C MET D 112 11.49 -10.44 13.52
N LEU D 113 10.88 -10.11 14.68
CA LEU D 113 9.78 -10.95 15.14
C LEU D 113 8.58 -10.82 14.22
N SER D 114 8.30 -9.61 13.75
CA SER D 114 7.21 -9.43 12.77
C SER D 114 7.46 -10.27 11.52
N ALA D 115 8.73 -10.39 11.10
CA ALA D 115 9.06 -11.22 9.95
C ALA D 115 8.77 -12.70 10.22
N VAL D 116 9.11 -13.18 11.43
CA VAL D 116 8.76 -14.54 11.82
C VAL D 116 7.25 -14.75 11.69
N LEU D 117 6.45 -13.83 12.24
CA LEU D 117 5.00 -13.97 12.23
C LEU D 117 4.43 -13.93 10.82
N CYS D 118 5.09 -13.22 9.91
CA CYS D 118 4.64 -13.12 8.52
C CYS D 118 5.28 -14.18 7.61
N GLY D 119 5.91 -15.20 8.17
CA GLY D 119 6.28 -16.37 7.41
C GLY D 119 7.72 -16.50 6.98
N ALA D 120 8.66 -15.85 7.67
CA ALA D 120 10.08 -16.04 7.35
C ALA D 120 10.42 -17.52 7.36
N ASP D 121 11.33 -17.91 6.47
CA ASP D 121 11.65 -19.32 6.28
C ASP D 121 13.12 -19.45 5.87
N ALA D 122 13.47 -20.58 5.25
CA ALA D 122 14.87 -20.84 4.91
C ALA D 122 15.42 -19.98 3.76
N THR D 123 14.57 -19.24 3.05
CA THR D 123 14.99 -18.39 1.95
C THR D 123 14.88 -16.93 2.37
N ALA D 124 15.94 -16.16 2.10
CA ALA D 124 15.95 -14.76 2.50
C ALA D 124 14.79 -14.00 1.86
N GLY D 125 14.11 -13.18 2.66
CA GLY D 125 13.11 -12.27 2.15
C GLY D 125 11.67 -12.76 2.18
N THR D 126 11.43 -14.03 2.52
CA THR D 126 10.06 -14.56 2.46
C THR D 126 9.12 -13.83 3.41
N THR D 127 7.97 -13.40 2.88
CA THR D 127 6.97 -12.74 3.71
C THR D 127 5.60 -12.86 3.05
N LEU D 128 4.58 -12.95 3.90
CA LEU D 128 3.17 -12.95 3.49
C LEU D 128 2.56 -11.68 4.08
N SER D 129 1.94 -10.87 3.23
CA SER D 129 1.45 -9.58 3.69
C SER D 129 0.29 -9.74 4.66
N PRO D 130 0.34 -9.08 5.83
CA PRO D 130 -0.82 -9.07 6.73
C PRO D 130 -1.92 -8.13 6.26
N GLN D 131 -1.73 -7.43 5.15
CA GLN D 131 -2.80 -6.70 4.47
C GLN D 131 -3.21 -7.38 3.17
N SER D 132 -2.94 -8.69 3.04
CA SER D 132 -3.27 -9.39 1.80
C SER D 132 -4.73 -9.19 1.42
N VAL D 133 -4.98 -8.99 0.12
CA VAL D 133 -6.33 -9.02 -0.42
C VAL D 133 -6.74 -10.40 -0.91
N THR D 134 -5.89 -11.41 -0.73
CA THR D 134 -6.17 -12.75 -1.24
C THR D 134 -6.90 -13.53 -0.14
N GLY D 135 -8.15 -13.87 -0.39
CA GLY D 135 -8.92 -14.62 0.60
C GLY D 135 -8.23 -15.92 0.97
N ASP D 136 -8.25 -16.25 2.27
CA ASP D 136 -7.74 -17.49 2.84
C ASP D 136 -6.21 -17.65 2.73
N ALA D 137 -5.48 -16.61 2.34
CA ALA D 137 -4.05 -16.75 2.13
C ALA D 137 -3.32 -17.15 3.41
N TRP D 138 -3.74 -16.62 4.57
CA TRP D 138 -3.09 -16.96 5.83
C TRP D 138 -3.39 -18.40 6.25
N LYS D 139 -4.66 -18.81 6.21
CA LYS D 139 -4.99 -20.18 6.60
C LYS D 139 -4.50 -21.23 5.60
N ASN D 140 -4.16 -20.82 4.38
CA ASN D 140 -3.63 -21.75 3.39
C ASN D 140 -2.11 -21.75 3.32
N SER D 141 -1.45 -20.91 4.11
CA SER D 141 0.01 -20.79 4.04
C SER D 141 0.68 -21.99 4.70
N ALA D 142 1.81 -22.39 4.13
CA ALA D 142 2.69 -23.39 4.72
C ALA D 142 3.87 -22.77 5.45
N LEU D 143 3.95 -21.45 5.52
CA LEU D 143 5.14 -20.82 6.06
C LEU D 143 5.25 -21.09 7.56
N PRO D 144 6.47 -21.28 8.08
CA PRO D 144 6.65 -21.94 9.40
C PRO D 144 5.78 -21.45 10.55
N PHE D 145 5.85 -20.16 10.88
CA PHE D 145 5.06 -19.67 12.01
C PHE D 145 3.68 -19.16 11.62
N VAL D 146 3.40 -19.00 10.32
CA VAL D 146 2.02 -18.75 9.90
C VAL D 146 1.19 -20.00 10.11
N PHE D 147 1.61 -21.09 9.48
CA PHE D 147 0.97 -22.39 9.68
C PHE D 147 1.02 -22.80 11.15
N GLY D 148 2.15 -22.51 11.82
CA GLY D 148 2.33 -22.98 13.19
C GLY D 148 1.30 -22.43 14.16
N PHE D 149 1.08 -21.11 14.15
CA PHE D 149 0.07 -20.54 15.04
C PHE D 149 -1.34 -20.99 14.67
N ILE D 150 -1.65 -21.00 13.37
CA ILE D 150 -3.02 -21.28 12.93
C ILE D 150 -3.39 -22.73 13.20
N ASN D 151 -2.45 -23.66 13.00
CA ASN D 151 -2.71 -25.08 13.18
C ASN D 151 -2.29 -25.59 14.56
N GLN D 152 -1.84 -24.69 15.43
CA GLN D 152 -1.67 -24.98 16.86
C GLN D 152 -0.54 -25.97 17.15
N ALA D 153 0.53 -25.88 16.35
CA ALA D 153 1.73 -26.69 16.57
C ALA D 153 2.86 -26.13 15.71
N PHE D 154 4.04 -26.01 16.29
CA PHE D 154 5.18 -25.48 15.58
C PHE D 154 6.03 -26.61 15.00
N PRO D 155 6.90 -26.30 14.03
CA PRO D 155 7.78 -27.34 13.46
C PRO D 155 8.61 -28.01 14.55
N THR D 156 8.98 -29.26 14.29
CA THR D 156 9.70 -30.07 15.28
C THR D 156 10.95 -30.72 14.70
#